data_5BQ7
#
_entry.id   5BQ7
#
_cell.length_a   40.207
_cell.length_b   66.625
_cell.length_c   168.928
_cell.angle_alpha   90.00
_cell.angle_beta   90.00
_cell.angle_gamma   90.00
#
_symmetry.space_group_name_H-M   'P 21 21 21'
#
loop_
_entity.id
_entity.type
_entity.pdbx_description
1 polymer 'Fab 5F-10-Heavy Chain'
2 polymer 'Fab 5F-10-Light Chain'
3 non-polymer DI(HYDROXYETHYL)ETHER
4 water water
#
loop_
_entity_poly.entity_id
_entity_poly.type
_entity_poly.pdbx_seq_one_letter_code
_entity_poly.pdbx_strand_id
1 'polypeptide(L)'
;QVQLVQSGSELKKPGASVKVSCKASGYTLTRYAMTWVRQAPGQGLEWMGWINTYTGNPTYVQGFTGRFVFSLDTSVSTAF
LHITSLKAEDTAVYFCAREGGARGFDYWGQGTLVTVSSASTKGPSVFPLAPSSKSTSGGTAAKGCLVKDYFPEPVTVSWN
SGALTSGVHTFPAVLQSSGLYSLSSVVTVPSSSLGTQTYICNVNHKPSNTKVDKRVEPKSCDKTHTCPPCPAPELLGGPS
VFLFPPKPKDTLMISRTPEV
;
A
2 'polypeptide(L)'
;QSVLTQPPSVSGAPGQRVTISCTGSSSNIGASHDVHWYQQLPGTAPTLLIYVNSNRPSGVPDRFSGSKSGTSASLAITGL
QAEDEADYYCQSYDSNLSGSAVFGGGTKLTVLGQPLAAPSVTLFPPSSEELQANKATLVCLISDFYPGAVTVAWKADSSP
VKAGVETTTPSKQSNNKYAASSYLSLTPEQWKSHKSYSCQVTHEGSTVEKTVAPTECS
;
B
#
# COMPACT_ATOMS: atom_id res chain seq x y z
N GLN A 1 6.80 13.16 -27.46
CA GLN A 1 7.11 11.81 -26.94
C GLN A 1 5.84 11.05 -26.56
N VAL A 2 5.88 9.73 -26.69
CA VAL A 2 4.74 8.87 -26.42
C VAL A 2 4.33 8.94 -24.94
N GLN A 3 3.03 9.01 -24.68
CA GLN A 3 2.54 9.01 -23.32
C GLN A 3 1.05 8.66 -23.20
N LEU A 4 0.74 7.87 -22.18
CA LEU A 4 -0.63 7.60 -21.75
C LEU A 4 -0.86 8.22 -20.38
N VAL A 5 -1.87 9.07 -20.25
CA VAL A 5 -2.19 9.73 -18.99
C VAL A 5 -3.65 9.48 -18.63
N GLN A 6 -3.88 8.96 -17.43
CA GLN A 6 -5.23 8.62 -16.97
C GLN A 6 -5.76 9.64 -15.97
N SER A 7 -7.03 9.46 -15.60
CA SER A 7 -7.68 10.33 -14.64
C SER A 7 -7.13 10.09 -13.23
N GLY A 8 -7.56 10.91 -12.28
CA GLY A 8 -7.16 10.78 -10.90
C GLY A 8 -8.00 9.77 -10.15
N SER A 9 -7.72 9.59 -8.87
CA SER A 9 -8.44 8.63 -8.03
C SER A 9 -9.93 8.92 -8.02
N GLU A 10 -10.72 7.85 -7.89
CA GLU A 10 -12.18 7.97 -7.86
C GLU A 10 -12.75 7.27 -6.64
N LEU A 11 -13.43 8.03 -5.79
CA LEU A 11 -14.16 7.45 -4.66
C LEU A 11 -15.63 7.34 -5.00
N LYS A 12 -16.15 6.12 -4.94
CA LYS A 12 -17.55 5.86 -5.26
C LYS A 12 -18.19 4.98 -4.19
N LYS A 13 -19.52 5.05 -4.10
CA LYS A 13 -20.28 4.15 -3.24
C LYS A 13 -20.90 3.08 -4.13
N PRO A 14 -21.23 1.92 -3.55
CA PRO A 14 -21.79 0.82 -4.34
C PRO A 14 -23.05 1.25 -5.12
N GLY A 15 -23.18 0.76 -6.36
CA GLY A 15 -24.31 1.10 -7.20
C GLY A 15 -24.03 2.28 -8.09
N ALA A 16 -23.02 3.06 -7.75
CA ALA A 16 -22.66 4.24 -8.53
C ALA A 16 -22.00 3.84 -9.84
N SER A 17 -21.64 4.84 -10.64
CA SER A 17 -20.97 4.61 -11.92
C SER A 17 -19.73 5.49 -12.02
N VAL A 18 -18.73 5.02 -12.76
CA VAL A 18 -17.48 5.77 -12.92
C VAL A 18 -16.96 5.71 -14.36
N LYS A 19 -16.40 6.84 -14.79
CA LYS A 19 -15.75 6.96 -16.09
C LYS A 19 -14.26 7.25 -15.89
N VAL A 20 -13.41 6.32 -16.30
CA VAL A 20 -11.96 6.53 -16.28
C VAL A 20 -11.48 6.87 -17.67
N SER A 21 -10.61 7.87 -17.76
CA SER A 21 -10.10 8.34 -19.04
C SER A 21 -8.68 7.85 -19.29
N CYS A 22 -8.31 7.71 -20.56
CA CYS A 22 -6.93 7.41 -20.94
C CYS A 22 -6.53 8.25 -22.13
N LYS A 23 -5.84 9.36 -21.84
CA LYS A 23 -5.33 10.28 -22.85
C LYS A 23 -4.01 9.81 -23.43
N ALA A 24 -4.01 9.48 -24.72
CA ALA A 24 -2.78 9.10 -25.41
C ALA A 24 -2.22 10.28 -26.19
N SER A 25 -0.90 10.44 -26.19
CA SER A 25 -0.25 11.45 -27.01
C SER A 25 1.14 11.00 -27.42
N GLY A 26 1.71 11.68 -28.41
CA GLY A 26 3.03 11.35 -28.91
C GLY A 26 2.97 10.39 -30.08
N TYR A 27 1.81 9.79 -30.30
CA TYR A 27 1.59 8.92 -31.45
C TYR A 27 0.13 9.01 -31.89
N THR A 28 -0.20 8.28 -32.95
CA THR A 28 -1.57 8.28 -33.46
C THR A 28 -2.36 7.15 -32.83
N LEU A 29 -3.41 7.51 -32.10
CA LEU A 29 -4.21 6.57 -31.33
C LEU A 29 -4.80 5.46 -32.18
N THR A 30 -5.24 5.79 -33.38
CA THR A 30 -5.98 4.86 -34.22
C THR A 30 -5.11 3.75 -34.79
N ARG A 31 -3.78 3.91 -34.71
CA ARG A 31 -2.86 2.97 -35.33
C ARG A 31 -2.46 1.83 -34.39
N TYR A 32 -2.73 1.99 -33.10
CA TYR A 32 -2.41 0.97 -32.10
C TYR A 32 -3.63 0.64 -31.26
N ALA A 33 -3.72 -0.61 -30.79
CA ALA A 33 -4.84 -1.05 -29.99
C ALA A 33 -4.63 -0.71 -28.51
N MET A 34 -5.69 -0.20 -27.87
CA MET A 34 -5.67 0.12 -26.47
C MET A 34 -6.30 -1.01 -25.66
N THR A 35 -5.54 -1.54 -24.70
CA THR A 35 -6.00 -2.62 -23.84
C THR A 35 -6.18 -2.12 -22.42
N TRP A 36 -7.10 -2.75 -21.69
CA TRP A 36 -7.35 -2.39 -20.30
C TRP A 36 -6.92 -3.51 -19.35
N VAL A 37 -6.27 -3.12 -18.26
CA VAL A 37 -5.80 -4.04 -17.25
C VAL A 37 -6.33 -3.62 -15.88
N ARG A 38 -6.61 -4.61 -15.04
CA ARG A 38 -7.10 -4.37 -13.69
C ARG A 38 -6.16 -4.97 -12.66
N GLN A 39 -5.97 -4.27 -11.55
CA GLN A 39 -5.21 -4.80 -10.44
C GLN A 39 -5.83 -4.37 -9.12
N ALA A 40 -6.50 -5.31 -8.45
CA ALA A 40 -7.05 -5.08 -7.13
C ALA A 40 -5.92 -5.11 -6.11
N PRO A 41 -6.15 -4.51 -4.92
CA PRO A 41 -5.11 -4.46 -3.88
C PRO A 41 -4.51 -5.83 -3.54
N GLY A 42 -3.19 -5.94 -3.62
CA GLY A 42 -2.50 -7.16 -3.25
C GLY A 42 -2.68 -8.30 -4.24
N GLN A 43 -3.08 -7.96 -5.46
CA GLN A 43 -3.34 -8.97 -6.49
C GLN A 43 -2.44 -8.80 -7.70
N GLY A 44 -2.59 -9.71 -8.66
CA GLY A 44 -1.83 -9.66 -9.90
C GLY A 44 -2.58 -8.86 -10.95
N LEU A 45 -2.04 -8.84 -12.16
CA LEU A 45 -2.62 -8.08 -13.26
C LEU A 45 -3.70 -8.88 -13.98
N GLU A 46 -4.91 -8.33 -14.01
CA GLU A 46 -6.01 -8.93 -14.76
C GLU A 46 -6.21 -8.22 -16.10
N TRP A 47 -6.06 -8.97 -17.18
CA TRP A 47 -6.35 -8.43 -18.51
C TRP A 47 -7.86 -8.38 -18.70
N MET A 48 -8.37 -7.19 -19.00
CA MET A 48 -9.82 -6.98 -19.11
C MET A 48 -10.31 -7.14 -20.54
N GLY A 49 -9.45 -6.85 -21.50
CA GLY A 49 -9.81 -6.86 -22.91
C GLY A 49 -9.28 -5.63 -23.60
N TRP A 50 -9.78 -5.36 -24.80
CA TRP A 50 -9.24 -4.25 -25.58
C TRP A 50 -10.26 -3.63 -26.52
N ILE A 51 -10.01 -2.36 -26.86
CA ILE A 51 -10.88 -1.62 -27.76
C ILE A 51 -10.16 -1.41 -29.08
N ASN A 52 -10.92 -1.49 -30.18
CA ASN A 52 -10.34 -1.30 -31.50
C ASN A 52 -10.35 0.18 -31.89
N THR A 53 -9.22 0.84 -31.70
CA THR A 53 -9.12 2.27 -31.97
C THR A 53 -9.37 2.61 -33.45
N TYR A 54 -9.36 1.58 -34.29
CA TYR A 54 -9.67 1.71 -35.70
C TYR A 54 -11.17 1.88 -35.91
N THR A 55 -11.91 0.80 -35.62
CA THR A 55 -13.37 0.81 -35.64
C THR A 55 -13.91 1.51 -34.40
N GLY A 56 -13.54 0.98 -33.24
CA GLY A 56 -14.12 1.41 -31.98
C GLY A 56 -14.98 0.32 -31.38
N ASN A 57 -15.03 -0.82 -32.06
CA ASN A 57 -15.69 -2.00 -31.52
C ASN A 57 -14.83 -2.66 -30.44
N PRO A 58 -15.35 -2.68 -29.20
CA PRO A 58 -14.63 -3.21 -28.04
C PRO A 58 -14.76 -4.73 -27.92
N THR A 59 -13.75 -5.36 -27.33
CA THR A 59 -13.83 -6.78 -27.02
C THR A 59 -13.42 -7.02 -25.58
N TYR A 60 -14.33 -7.64 -24.83
CA TYR A 60 -14.17 -7.84 -23.40
C TYR A 60 -13.82 -9.28 -23.06
N VAL A 61 -13.12 -9.45 -21.94
CA VAL A 61 -12.95 -10.77 -21.35
C VAL A 61 -14.27 -11.17 -20.69
N GLN A 62 -14.56 -12.47 -20.65
CA GLN A 62 -15.79 -12.96 -20.04
C GLN A 62 -15.88 -12.54 -18.58
N GLY A 63 -17.05 -12.03 -18.19
CA GLY A 63 -17.26 -11.49 -16.86
C GLY A 63 -17.03 -9.99 -16.85
N PHE A 64 -16.25 -9.51 -17.81
CA PHE A 64 -16.12 -8.08 -18.07
C PHE A 64 -17.03 -7.70 -19.24
N THR A 65 -17.75 -8.70 -19.74
CA THR A 65 -18.72 -8.53 -20.82
C THR A 65 -20.01 -8.03 -20.20
N GLY A 66 -19.95 -7.78 -18.89
CA GLY A 66 -21.05 -7.23 -18.15
C GLY A 66 -20.97 -5.72 -18.10
N ARG A 67 -21.40 -5.16 -16.98
CA ARG A 67 -21.49 -3.72 -16.77
C ARG A 67 -20.22 -2.88 -17.08
N PHE A 68 -19.18 -3.49 -17.65
CA PHE A 68 -18.01 -2.73 -18.11
C PHE A 68 -18.17 -2.34 -19.58
N VAL A 69 -17.83 -1.08 -19.91
CA VAL A 69 -17.91 -0.60 -21.29
C VAL A 69 -16.66 0.17 -21.70
N PHE A 70 -16.12 -0.16 -22.87
CA PHE A 70 -15.00 0.60 -23.44
C PHE A 70 -15.53 1.56 -24.49
N SER A 71 -15.21 2.84 -24.34
CA SER A 71 -15.62 3.85 -25.32
C SER A 71 -14.40 4.58 -25.84
N LEU A 72 -14.58 5.33 -26.92
CA LEU A 72 -13.47 5.94 -27.63
C LEU A 72 -13.81 7.34 -28.12
N ASP A 73 -12.85 8.26 -27.98
CA ASP A 73 -12.99 9.61 -28.50
C ASP A 73 -11.72 10.01 -29.22
N THR A 74 -11.65 9.72 -30.52
CA THR A 74 -10.46 9.96 -31.32
C THR A 74 -10.25 11.45 -31.56
N SER A 75 -11.31 12.24 -31.45
CA SER A 75 -11.22 13.69 -31.59
C SER A 75 -10.28 14.26 -30.54
N VAL A 76 -10.54 13.91 -29.29
CA VAL A 76 -9.72 14.33 -28.16
C VAL A 76 -8.53 13.38 -28.02
N SER A 77 -8.55 12.29 -28.77
CA SER A 77 -7.52 11.25 -28.68
C SER A 77 -7.51 10.63 -27.29
N THR A 78 -8.65 10.04 -26.91
CA THR A 78 -8.81 9.48 -25.57
C THR A 78 -9.61 8.18 -25.57
N ALA A 79 -9.19 7.25 -24.73
CA ALA A 79 -9.91 6.00 -24.52
C ALA A 79 -10.58 6.01 -23.14
N PHE A 80 -11.83 5.57 -23.09
CA PHE A 80 -12.62 5.63 -21.85
C PHE A 80 -13.06 4.25 -21.36
N LEU A 81 -12.92 4.05 -20.05
CA LEU A 81 -13.44 2.86 -19.37
C LEU A 81 -14.61 3.26 -18.48
N HIS A 82 -15.79 2.73 -18.79
CA HIS A 82 -16.99 2.99 -18.00
C HIS A 82 -17.36 1.77 -17.17
N ILE A 83 -17.60 1.99 -15.88
CA ILE A 83 -18.11 0.95 -15.00
C ILE A 83 -19.38 1.42 -14.31
N THR A 84 -20.47 0.69 -14.52
CA THR A 84 -21.75 1.00 -13.90
C THR A 84 -21.98 0.06 -12.72
N SER A 85 -23.00 0.36 -11.90
CA SER A 85 -23.39 -0.49 -10.77
C SER A 85 -22.19 -0.97 -9.96
N LEU A 86 -21.33 -0.03 -9.56
CA LEU A 86 -20.08 -0.37 -8.87
C LEU A 86 -20.32 -1.21 -7.63
N LYS A 87 -19.37 -2.10 -7.35
CA LYS A 87 -19.44 -2.98 -6.20
C LYS A 87 -18.12 -2.89 -5.42
N ALA A 88 -18.14 -3.39 -4.19
CA ALA A 88 -16.96 -3.33 -3.32
C ALA A 88 -15.77 -4.04 -3.97
N GLU A 89 -16.06 -5.10 -4.72
CA GLU A 89 -15.01 -5.91 -5.33
C GLU A 89 -14.36 -5.19 -6.53
N ASP A 90 -14.93 -4.05 -6.92
CA ASP A 90 -14.38 -3.26 -8.01
C ASP A 90 -13.25 -2.35 -7.52
N THR A 91 -13.06 -2.30 -6.21
CA THR A 91 -11.97 -1.52 -5.62
C THR A 91 -10.64 -2.01 -6.19
N ALA A 92 -10.01 -1.18 -7.01
CA ALA A 92 -8.81 -1.60 -7.72
C ALA A 92 -8.16 -0.46 -8.49
N VAL A 93 -6.94 -0.70 -8.95
CA VAL A 93 -6.26 0.22 -9.84
C VAL A 93 -6.45 -0.29 -11.28
N TYR A 94 -6.78 0.63 -12.17
CA TYR A 94 -7.03 0.29 -13.57
C TYR A 94 -6.00 0.97 -14.46
N PHE A 95 -5.43 0.18 -15.37
CA PHE A 95 -4.41 0.64 -16.31
C PHE A 95 -4.90 0.55 -17.74
N CYS A 96 -4.55 1.56 -18.53
CA CYS A 96 -4.67 1.47 -19.98
C CYS A 96 -3.28 1.24 -20.55
N ALA A 97 -3.17 0.38 -21.55
CA ALA A 97 -1.89 0.12 -22.20
C ALA A 97 -2.05 0.07 -23.71
N ARG A 98 -0.96 0.35 -24.43
CA ARG A 98 -0.97 0.33 -25.88
C ARG A 98 -0.28 -0.93 -26.38
N GLU A 99 -0.88 -1.57 -27.37
CA GLU A 99 -0.30 -2.77 -27.96
C GLU A 99 0.53 -2.41 -29.21
N GLY A 100 1.85 -2.29 -29.02
CA GLY A 100 2.74 -2.06 -30.14
C GLY A 100 2.74 -3.23 -31.11
N GLY A 101 2.37 -4.39 -30.58
CA GLY A 101 2.06 -5.57 -31.34
C GLY A 101 3.19 -6.59 -31.40
N ALA A 102 4.44 -6.15 -31.37
CA ALA A 102 5.51 -7.06 -30.94
C ALA A 102 6.09 -6.67 -29.58
N ARG A 103 5.79 -5.45 -29.13
CA ARG A 103 6.50 -4.85 -28.00
C ARG A 103 5.75 -4.86 -26.67
N GLY A 104 4.52 -5.36 -26.65
CA GLY A 104 3.60 -5.05 -25.58
C GLY A 104 2.61 -3.99 -26.06
N PHE A 105 1.86 -3.31 -25.18
CA PHE A 105 2.09 -3.18 -23.73
C PHE A 105 3.46 -2.55 -23.46
N ASP A 106 3.92 -1.74 -24.42
CA ASP A 106 5.19 -1.03 -24.28
C ASP A 106 5.02 0.22 -23.41
N TYR A 107 3.84 0.82 -23.48
CA TYR A 107 3.53 2.01 -22.69
C TYR A 107 2.28 1.79 -21.85
N TRP A 108 2.31 2.29 -20.62
CA TRP A 108 1.17 2.19 -19.71
C TRP A 108 0.76 3.56 -19.20
N GLY A 109 -0.49 3.69 -18.79
CA GLY A 109 -0.93 4.85 -18.05
C GLY A 109 -0.43 4.70 -16.63
N GLN A 110 -0.36 5.81 -15.88
CA GLN A 110 0.15 5.76 -14.52
C GLN A 110 -0.73 4.89 -13.62
N GLY A 111 -1.98 4.72 -14.03
CA GLY A 111 -2.93 3.91 -13.27
C GLY A 111 -3.98 4.79 -12.61
N THR A 112 -5.21 4.29 -12.56
CA THR A 112 -6.30 5.01 -11.89
C THR A 112 -6.92 4.17 -10.78
N LEU A 113 -6.84 4.67 -9.56
CA LEU A 113 -7.46 4.00 -8.43
C LEU A 113 -8.95 4.28 -8.38
N VAL A 114 -9.74 3.22 -8.49
CA VAL A 114 -11.16 3.28 -8.21
C VAL A 114 -11.39 2.61 -6.87
N THR A 115 -11.91 3.40 -5.92
CA THR A 115 -12.20 2.94 -4.57
C THR A 115 -13.71 2.93 -4.35
N VAL A 116 -14.25 1.74 -4.10
CA VAL A 116 -15.69 1.59 -3.86
C VAL A 116 -15.92 1.17 -2.42
N SER A 117 -16.57 2.05 -1.65
CA SER A 117 -16.81 1.80 -0.23
C SER A 117 -18.12 2.43 0.23
N SER A 118 -18.80 1.75 1.14
CA SER A 118 -20.03 2.26 1.72
C SER A 118 -19.74 3.38 2.71
N ALA A 119 -18.47 3.52 3.06
CA ALA A 119 -18.04 4.54 4.01
C ALA A 119 -18.20 5.93 3.43
N SER A 120 -18.86 6.80 4.20
CA SER A 120 -18.97 8.20 3.82
C SER A 120 -17.68 8.93 4.19
N THR A 121 -17.41 10.03 3.50
CA THR A 121 -16.24 10.85 3.82
C THR A 121 -16.36 11.31 5.28
N LYS A 122 -15.29 11.09 6.05
CA LYS A 122 -15.30 11.42 7.47
C LYS A 122 -13.98 12.05 7.91
N GLY A 123 -14.09 13.13 8.68
CA GLY A 123 -12.92 13.81 9.22
C GLY A 123 -12.37 13.05 10.40
N PRO A 124 -11.06 13.20 10.66
CA PRO A 124 -10.41 12.43 11.72
C PRO A 124 -10.75 12.92 13.12
N SER A 125 -10.76 11.99 14.07
CA SER A 125 -10.84 12.31 15.49
C SER A 125 -9.43 12.21 16.07
N VAL A 126 -8.83 13.36 16.38
CA VAL A 126 -7.44 13.43 16.79
C VAL A 126 -7.30 13.47 18.31
N PHE A 127 -6.49 12.56 18.85
CA PHE A 127 -6.23 12.51 20.29
C PHE A 127 -4.72 12.54 20.58
N PRO A 128 -4.34 13.07 21.75
CA PRO A 128 -2.93 13.18 22.12
C PRO A 128 -2.34 11.94 22.80
N LEU A 129 -1.24 11.43 22.25
CA LEU A 129 -0.46 10.38 22.90
C LEU A 129 0.61 11.02 23.76
N ALA A 130 0.34 11.10 25.07
CA ALA A 130 1.21 11.81 26.00
C ALA A 130 2.57 11.14 26.12
N PRO A 131 3.60 11.92 26.51
CA PRO A 131 4.99 11.46 26.63
C PRO A 131 5.17 10.17 27.40
N SER A 132 5.98 9.27 26.84
CA SER A 132 6.34 8.02 27.52
C SER A 132 7.82 7.76 27.27
N SER A 133 8.59 7.61 28.36
CA SER A 133 10.03 7.44 28.28
C SER A 133 10.45 5.97 28.34
N LYS A 134 9.49 5.08 28.46
CA LYS A 134 9.78 3.66 28.70
C LYS A 134 10.52 2.98 27.54
N SER A 135 10.08 3.23 26.31
CA SER A 135 10.66 2.60 25.13
C SER A 135 11.75 3.46 24.48
N THR A 136 12.06 4.60 25.09
CA THR A 136 13.03 5.54 24.53
C THR A 136 14.26 5.72 25.41
N SER A 137 15.43 5.73 24.79
CA SER A 137 16.69 5.89 25.51
C SER A 137 17.20 7.31 25.44
N GLY A 138 18.35 7.56 26.09
CA GLY A 138 19.03 8.83 25.99
C GLY A 138 18.31 9.98 26.67
N GLY A 139 17.58 9.68 27.74
CA GLY A 139 16.83 10.70 28.46
C GLY A 139 15.92 11.45 27.51
N THR A 140 15.02 10.71 26.87
CA THR A 140 14.20 11.23 25.79
C THR A 140 12.80 10.64 25.87
N ALA A 141 11.80 11.47 25.59
CA ALA A 141 10.40 11.07 25.66
C ALA A 141 9.79 10.95 24.26
N ALA A 142 8.95 9.94 24.08
CA ALA A 142 8.19 9.77 22.85
C ALA A 142 6.75 10.20 23.06
N LYS A 143 6.28 11.11 22.23
CA LYS A 143 4.91 11.61 22.31
C LYS A 143 4.29 11.46 20.92
N GLY A 144 2.99 11.69 20.80
CA GLY A 144 2.38 11.64 19.48
C GLY A 144 0.94 12.07 19.35
N CYS A 145 0.40 11.86 18.16
CA CYS A 145 -1.01 12.07 17.86
C CYS A 145 -1.62 10.80 17.30
N LEU A 146 -2.74 10.40 17.90
CA LEU A 146 -3.57 9.33 17.37
C LEU A 146 -4.68 9.91 16.52
N VAL A 147 -4.61 9.65 15.22
CA VAL A 147 -5.62 10.07 14.27
C VAL A 147 -6.62 8.93 14.04
N LYS A 148 -7.81 9.05 14.63
CA LYS A 148 -8.80 7.98 14.61
C LYS A 148 -9.91 8.19 13.58
N ASP A 149 -10.26 7.10 12.89
CA ASP A 149 -11.49 7.04 12.09
C ASP A 149 -11.66 8.21 11.11
N TYR A 150 -10.97 8.13 9.98
CA TYR A 150 -11.17 9.09 8.89
C TYR A 150 -11.26 8.35 7.57
N PHE A 151 -12.06 8.86 6.65
CA PHE A 151 -12.14 8.28 5.31
C PHE A 151 -12.35 9.36 4.24
N PRO A 152 -11.73 9.21 3.06
CA PRO A 152 -10.67 8.26 2.67
C PRO A 152 -9.28 8.80 2.96
N GLU A 153 -8.26 8.07 2.52
CA GLU A 153 -6.89 8.57 2.53
C GLU A 153 -6.78 9.74 1.55
N PRO A 154 -5.72 10.54 1.64
CA PRO A 154 -4.65 10.52 2.65
C PRO A 154 -4.90 11.45 3.82
N VAL A 155 -3.96 11.48 4.77
CA VAL A 155 -3.96 12.45 5.84
C VAL A 155 -2.53 12.96 6.01
N THR A 156 -2.40 14.26 6.27
CA THR A 156 -1.10 14.87 6.48
C THR A 156 -0.91 15.17 7.97
N VAL A 157 0.30 14.95 8.46
CA VAL A 157 0.62 15.25 9.85
C VAL A 157 1.98 15.88 9.98
N SER A 158 2.02 17.09 10.54
CA SER A 158 3.28 17.75 10.87
C SER A 158 3.28 18.14 12.35
N TRP A 159 4.45 18.54 12.85
CA TRP A 159 4.61 18.94 14.23
C TRP A 159 5.19 20.34 14.34
N ASN A 160 4.58 21.17 15.19
CA ASN A 160 4.97 22.56 15.36
C ASN A 160 4.99 23.29 14.03
N SER A 161 3.94 23.09 13.24
CA SER A 161 3.77 23.78 11.96
C SER A 161 4.94 23.51 11.02
N GLY A 162 5.58 22.36 11.18
CA GLY A 162 6.68 21.96 10.31
C GLY A 162 8.05 22.30 10.86
N ALA A 163 8.10 23.09 11.92
CA ALA A 163 9.36 23.51 12.51
C ALA A 163 10.06 22.34 13.21
N LEU A 164 9.33 21.24 13.38
CA LEU A 164 9.87 20.03 14.01
C LEU A 164 9.81 18.87 13.02
N THR A 165 10.97 18.31 12.71
CA THR A 165 11.09 17.24 11.71
C THR A 165 11.86 16.04 12.26
N SER A 166 13.10 16.26 12.64
CA SER A 166 13.95 15.20 13.18
C SER A 166 13.28 14.50 14.38
N GLY A 167 13.34 13.17 14.37
CA GLY A 167 12.79 12.38 15.47
C GLY A 167 11.30 12.11 15.32
N VAL A 168 10.74 12.44 14.16
CA VAL A 168 9.32 12.21 13.88
C VAL A 168 9.15 10.88 13.15
N HIS A 169 8.03 10.21 13.43
CA HIS A 169 7.71 8.94 12.79
C HIS A 169 6.20 8.81 12.64
N THR A 170 5.73 8.99 11.41
CA THR A 170 4.31 8.84 11.10
C THR A 170 4.07 7.45 10.53
N PHE A 171 3.40 6.61 11.31
CA PHE A 171 3.14 5.23 10.92
C PHE A 171 2.04 5.16 9.86
N PRO A 172 2.21 4.29 8.85
CA PRO A 172 1.14 4.09 7.86
C PRO A 172 -0.19 3.73 8.50
N ALA A 173 -1.28 4.20 7.91
CA ALA A 173 -2.61 4.01 8.49
C ALA A 173 -3.08 2.57 8.36
N VAL A 174 -3.83 2.11 9.35
CA VAL A 174 -4.48 0.81 9.29
C VAL A 174 -5.88 0.97 8.72
N LEU A 175 -6.28 0.04 7.86
CA LEU A 175 -7.66 -0.04 7.41
C LEU A 175 -8.38 -1.02 8.32
N GLN A 176 -9.28 -0.49 9.14
CA GLN A 176 -10.00 -1.31 10.11
C GLN A 176 -11.12 -2.04 9.38
N SER A 177 -11.94 -2.78 10.11
CA SER A 177 -13.18 -3.25 9.51
C SER A 177 -14.25 -2.31 10.02
N SER A 178 -14.56 -1.35 9.16
CA SER A 178 -15.56 -0.32 9.41
C SER A 178 -16.32 -0.07 8.09
N GLY A 179 -15.64 0.35 7.00
CA GLY A 179 -14.22 0.67 6.94
C GLY A 179 -13.88 2.15 7.15
N LEU A 180 -12.74 2.36 7.80
CA LEU A 180 -12.22 3.69 8.10
C LEU A 180 -10.73 3.57 8.36
N TYR A 181 -10.01 4.67 8.27
CA TYR A 181 -8.57 4.67 8.49
C TYR A 181 -8.20 5.23 9.86
N SER A 182 -7.24 4.58 10.50
CA SER A 182 -6.66 5.08 11.73
C SER A 182 -5.14 5.12 11.55
N LEU A 183 -4.55 6.23 11.97
CA LEU A 183 -3.12 6.46 11.83
C LEU A 183 -2.58 7.06 13.11
N SER A 184 -1.31 6.81 13.39
CA SER A 184 -0.68 7.34 14.59
C SER A 184 0.71 7.86 14.27
N SER A 185 1.00 9.08 14.72
CA SER A 185 2.31 9.69 14.46
C SER A 185 3.00 10.07 15.76
N VAL A 186 4.24 9.63 15.93
CA VAL A 186 4.99 9.90 17.15
C VAL A 186 6.22 10.73 16.87
N VAL A 187 6.53 11.65 17.78
CA VAL A 187 7.77 12.40 17.74
C VAL A 187 8.55 12.16 19.03
N THR A 188 9.86 12.03 18.88
CA THR A 188 10.74 11.75 20.00
C THR A 188 11.53 13.01 20.36
N VAL A 189 11.34 13.50 21.57
CA VAL A 189 11.93 14.78 21.99
C VAL A 189 12.59 14.67 23.36
N PRO A 190 13.58 15.54 23.62
CA PRO A 190 14.31 15.51 24.91
C PRO A 190 13.38 15.61 26.12
N SER A 191 13.74 14.89 27.19
CA SER A 191 12.94 14.90 28.41
C SER A 191 12.89 16.28 29.04
N SER A 192 13.98 17.02 28.92
CA SER A 192 14.08 18.33 29.56
C SER A 192 13.17 19.35 28.90
N SER A 193 12.84 19.11 27.64
CA SER A 193 11.98 20.03 26.89
C SER A 193 10.60 20.14 27.52
N LEU A 194 10.18 19.07 28.21
CA LEU A 194 8.85 19.04 28.81
C LEU A 194 8.91 19.55 30.26
N GLY A 195 7.95 20.37 30.71
CA GLY A 195 6.85 20.89 29.91
C GLY A 195 7.12 22.31 29.44
N THR A 196 8.40 22.70 29.46
CA THR A 196 8.79 24.06 29.09
C THR A 196 8.59 24.34 27.61
N GLN A 197 8.71 23.29 26.79
CA GLN A 197 8.55 23.40 25.35
C GLN A 197 7.16 22.95 24.93
N THR A 198 6.57 23.67 23.98
CA THR A 198 5.25 23.34 23.47
C THR A 198 5.37 22.48 22.21
N TYR A 199 4.51 21.47 22.11
CA TYR A 199 4.49 20.58 20.96
C TYR A 199 3.06 20.39 20.46
N ILE A 200 2.81 20.84 19.23
CA ILE A 200 1.48 20.79 18.65
C ILE A 200 1.44 19.86 17.45
N CYS A 201 0.36 19.08 17.38
CA CYS A 201 0.15 18.12 16.31
C CYS A 201 -0.74 18.73 15.24
N ASN A 202 -0.15 19.00 14.07
CA ASN A 202 -0.89 19.56 12.94
C ASN A 202 -1.39 18.46 12.01
N VAL A 203 -2.68 18.15 12.12
CA VAL A 203 -3.32 17.12 11.30
C VAL A 203 -4.20 17.76 10.24
N ASN A 204 -4.05 17.29 9.00
CA ASN A 204 -4.77 17.85 7.86
C ASN A 204 -5.42 16.75 7.01
N HIS A 205 -6.72 16.89 6.78
CA HIS A 205 -7.49 15.95 5.98
C HIS A 205 -8.29 16.70 4.92
N LYS A 206 -7.72 16.76 3.71
CA LYS A 206 -8.33 17.46 2.59
C LYS A 206 -9.72 16.91 2.22
N PRO A 207 -9.87 15.57 2.16
CA PRO A 207 -11.16 15.00 1.75
C PRO A 207 -12.32 15.49 2.62
N SER A 208 -12.09 15.62 3.92
CA SER A 208 -13.08 16.13 4.85
C SER A 208 -13.01 17.65 4.93
N ASN A 209 -11.96 18.23 4.36
CA ASN A 209 -11.71 19.66 4.46
C ASN A 209 -11.51 20.03 5.93
N THR A 210 -10.87 19.12 6.68
CA THR A 210 -10.73 19.28 8.12
C THR A 210 -9.27 19.49 8.51
N LYS A 211 -9.03 20.41 9.45
CA LYS A 211 -7.71 20.60 10.03
C LYS A 211 -7.82 20.60 11.56
N VAL A 212 -6.85 19.98 12.22
CA VAL A 212 -6.82 19.94 13.68
C VAL A 212 -5.41 20.15 14.22
N ASP A 213 -5.27 21.14 15.10
CA ASP A 213 -4.00 21.40 15.78
C ASP A 213 -4.13 21.01 17.25
N LYS A 214 -3.49 19.90 17.62
CA LYS A 214 -3.67 19.34 18.97
C LYS A 214 -2.40 19.42 19.83
N ARG A 215 -2.47 20.19 20.90
CA ARG A 215 -1.37 20.29 21.86
C ARG A 215 -1.26 19.01 22.68
N VAL A 216 -0.03 18.53 22.86
CA VAL A 216 0.23 17.30 23.59
C VAL A 216 0.95 17.59 24.90
N GLU A 217 0.19 17.62 26.00
CA GLU A 217 0.73 17.94 27.31
C GLU A 217 1.22 16.69 28.04
N PRO A 218 2.22 16.83 28.94
CA PRO A 218 2.89 15.65 29.51
C PRO A 218 2.02 14.66 30.29
N LYS A 219 1.23 15.10 31.26
CA LYS A 219 0.53 14.15 32.14
C LYS A 219 -0.24 14.77 33.29
N SER A 220 -0.95 13.91 34.02
CA SER A 220 -1.65 14.30 35.24
C SER A 220 -0.78 14.07 36.48
N VAL B 3 -3.69 -17.26 -14.89
CA VAL B 3 -3.84 -18.15 -16.04
C VAL B 3 -2.55 -18.90 -16.32
N LEU B 4 -1.43 -18.18 -16.23
CA LEU B 4 -0.11 -18.78 -16.42
C LEU B 4 0.44 -19.21 -15.05
N THR B 5 1.68 -19.68 -15.03
CA THR B 5 2.29 -20.22 -13.81
C THR B 5 3.73 -19.75 -13.60
N GLN B 6 3.98 -19.22 -12.41
CA GLN B 6 5.31 -18.77 -12.00
C GLN B 6 5.53 -19.10 -10.53
N PRO B 7 6.80 -19.09 -10.09
CA PRO B 7 7.02 -19.25 -8.64
C PRO B 7 6.47 -18.05 -7.87
N PRO B 8 5.68 -18.29 -6.80
CA PRO B 8 5.16 -17.17 -6.03
C PRO B 8 6.26 -16.30 -5.40
N SER B 9 7.44 -16.88 -5.20
CA SER B 9 8.54 -16.18 -4.57
C SER B 9 9.90 -16.65 -5.06
N VAL B 10 10.85 -15.71 -5.13
CA VAL B 10 12.23 -16.01 -5.48
C VAL B 10 13.14 -15.12 -4.64
N SER B 11 14.32 -15.61 -4.33
CA SER B 11 15.27 -14.86 -3.50
C SER B 11 16.71 -15.09 -3.94
N GLY B 12 17.53 -14.08 -3.72
CA GLY B 12 18.95 -14.15 -4.00
C GLY B 12 19.67 -13.02 -3.29
N ALA B 13 20.97 -13.19 -3.07
CA ALA B 13 21.77 -12.14 -2.45
C ALA B 13 22.38 -11.27 -3.55
N PRO B 14 22.68 -10.00 -3.23
CA PRO B 14 23.27 -9.12 -4.23
C PRO B 14 24.53 -9.70 -4.86
N GLY B 15 24.60 -9.70 -6.18
CA GLY B 15 25.72 -10.27 -6.91
C GLY B 15 25.40 -11.64 -7.48
N GLN B 16 24.38 -12.30 -6.94
CA GLN B 16 23.99 -13.62 -7.41
C GLN B 16 23.27 -13.55 -8.75
N ARG B 17 22.89 -14.72 -9.26
CA ARG B 17 22.13 -14.86 -10.49
C ARG B 17 20.81 -15.56 -10.20
N VAL B 18 19.70 -14.83 -10.35
CA VAL B 18 18.38 -15.40 -10.08
C VAL B 18 17.63 -15.60 -11.39
N THR B 19 16.71 -16.56 -11.38
CA THR B 19 15.90 -16.86 -12.57
C THR B 19 14.43 -17.04 -12.20
N ILE B 20 13.56 -16.50 -13.05
CA ILE B 20 12.12 -16.65 -12.89
C ILE B 20 11.58 -17.50 -14.04
N SER B 21 10.93 -18.61 -13.69
CA SER B 21 10.40 -19.54 -14.68
C SER B 21 9.00 -19.14 -15.12
N CYS B 22 8.64 -19.49 -16.35
CA CYS B 22 7.29 -19.26 -16.85
C CYS B 22 6.85 -20.42 -17.75
N THR B 23 6.03 -21.31 -17.19
CA THR B 23 5.55 -22.48 -17.94
C THR B 23 4.03 -22.50 -17.99
N SER B 26 1.01 -24.86 -24.08
CA SER B 26 0.61 -25.45 -25.36
C SER B 26 -0.17 -24.44 -26.20
N SER B 27 -1.25 -23.92 -25.62
CA SER B 27 -2.04 -22.89 -26.29
C SER B 27 -1.21 -21.63 -26.47
N ASN B 28 -0.52 -21.23 -25.41
CA ASN B 28 0.35 -20.06 -25.45
C ASN B 28 1.63 -20.33 -26.25
N VAL B 35 7.04 -14.29 -25.82
CA VAL B 35 6.57 -13.82 -24.52
C VAL B 35 7.23 -12.49 -24.15
N HIS B 36 6.52 -11.70 -23.35
CA HIS B 36 7.03 -10.43 -22.85
C HIS B 36 7.06 -10.46 -21.32
N TRP B 37 8.03 -9.74 -20.74
CA TRP B 37 8.18 -9.67 -19.30
C TRP B 37 8.05 -8.23 -18.81
N TYR B 38 7.38 -8.06 -17.66
CA TYR B 38 7.15 -6.74 -17.08
C TYR B 38 7.59 -6.66 -15.62
N GLN B 39 8.31 -5.58 -15.29
CA GLN B 39 8.71 -5.30 -13.92
C GLN B 39 7.72 -4.34 -13.28
N GLN B 40 7.46 -4.52 -11.99
CA GLN B 40 6.58 -3.61 -11.26
C GLN B 40 7.10 -3.31 -9.87
N LEU B 41 7.51 -2.06 -9.68
CA LEU B 41 7.86 -1.53 -8.38
C LEU B 41 6.58 -1.23 -7.60
N PRO B 42 6.65 -1.23 -6.27
CA PRO B 42 5.43 -1.01 -5.47
C PRO B 42 4.80 0.36 -5.70
N GLY B 43 3.48 0.37 -5.93
CA GLY B 43 2.72 1.61 -6.06
C GLY B 43 2.84 2.30 -7.40
N THR B 44 3.54 1.68 -8.35
CA THR B 44 3.70 2.23 -9.69
C THR B 44 3.23 1.25 -10.75
N ALA B 45 3.00 1.76 -11.96
CA ALA B 45 2.53 0.93 -13.07
C ALA B 45 3.62 -0.04 -13.52
N PRO B 46 3.21 -1.15 -14.16
CA PRO B 46 4.22 -2.07 -14.70
C PRO B 46 5.00 -1.44 -15.85
N THR B 47 6.22 -1.92 -16.07
CA THR B 47 7.07 -1.41 -17.13
C THR B 47 7.60 -2.55 -17.98
N LEU B 48 7.64 -2.34 -19.30
CA LEU B 48 8.12 -3.35 -20.23
C LEU B 48 9.57 -3.70 -19.92
N LEU B 49 9.80 -4.95 -19.55
CA LEU B 49 11.13 -5.42 -19.20
C LEU B 49 11.76 -6.21 -20.36
N ILE B 50 11.04 -7.21 -20.85
CA ILE B 50 11.50 -7.99 -22.00
C ILE B 50 10.42 -8.09 -23.07
N TYR B 51 10.84 -7.98 -24.33
CA TYR B 51 9.95 -8.16 -25.47
C TYR B 51 10.66 -9.04 -26.52
N VAL B 52 9.89 -9.89 -27.21
CA VAL B 52 10.41 -10.80 -28.25
C VAL B 52 11.17 -12.00 -27.64
N ASN B 53 11.20 -12.02 -26.31
CA ASN B 53 11.79 -13.05 -25.46
C ASN B 53 13.30 -13.00 -25.28
N SER B 54 14.01 -12.40 -26.22
CA SER B 54 15.45 -12.17 -26.06
C SER B 54 15.87 -10.72 -25.81
N ASN B 55 14.94 -9.78 -25.93
CA ASN B 55 15.34 -8.38 -26.09
C ASN B 55 14.79 -7.42 -25.04
N ARG B 56 15.52 -6.31 -24.88
CA ARG B 56 15.20 -5.28 -23.90
C ARG B 56 15.08 -3.94 -24.59
N PRO B 57 14.12 -3.09 -24.18
CA PRO B 57 14.11 -1.74 -24.73
C PRO B 57 15.25 -0.89 -24.18
N SER B 58 15.36 0.36 -24.64
CA SER B 58 16.34 1.28 -24.10
C SER B 58 15.92 1.72 -22.71
N GLY B 59 16.85 1.66 -21.76
CA GLY B 59 16.55 1.96 -20.37
C GLY B 59 16.48 0.72 -19.50
N VAL B 60 16.70 -0.43 -20.11
CA VAL B 60 16.78 -1.70 -19.38
C VAL B 60 18.25 -2.13 -19.29
N PRO B 61 18.74 -2.41 -18.06
CA PRO B 61 20.14 -2.79 -17.93
C PRO B 61 20.49 -4.10 -18.63
N ASP B 62 21.76 -4.48 -18.57
CA ASP B 62 22.23 -5.70 -19.23
C ASP B 62 22.08 -6.92 -18.33
N ARG B 63 21.70 -6.68 -17.07
CA ARG B 63 21.52 -7.77 -16.11
C ARG B 63 20.39 -8.69 -16.52
N PHE B 64 19.30 -8.11 -17.01
CA PHE B 64 18.12 -8.86 -17.38
C PHE B 64 18.30 -9.57 -18.71
N SER B 65 18.06 -10.89 -18.71
CA SER B 65 18.14 -11.67 -19.94
C SER B 65 16.96 -12.64 -20.02
N GLY B 66 16.22 -12.58 -21.13
CA GLY B 66 15.07 -13.45 -21.33
C GLY B 66 15.45 -14.70 -22.10
N SER B 67 14.69 -15.78 -21.89
CA SER B 67 14.97 -17.05 -22.55
C SER B 67 13.70 -17.75 -23.00
N LYS B 68 13.66 -18.12 -24.27
CA LYS B 68 12.60 -18.97 -24.82
C LYS B 68 13.15 -20.38 -25.03
N SER B 69 12.32 -21.38 -24.76
CA SER B 69 12.72 -22.78 -24.91
C SER B 69 11.67 -23.58 -25.69
N GLY B 70 10.51 -22.96 -25.87
CA GLY B 70 9.44 -23.51 -26.68
C GLY B 70 8.45 -24.36 -25.91
N THR B 71 8.91 -24.99 -24.83
CA THR B 71 8.01 -25.54 -23.82
C THR B 71 7.65 -24.45 -22.82
N SER B 72 8.66 -23.66 -22.45
CA SER B 72 8.53 -22.64 -21.42
C SER B 72 9.40 -21.42 -21.71
N ALA B 73 9.23 -20.40 -20.89
CA ALA B 73 10.03 -19.18 -20.97
C ALA B 73 10.65 -18.87 -19.61
N SER B 74 11.75 -18.11 -19.63
CA SER B 74 12.46 -17.78 -18.40
C SER B 74 13.03 -16.36 -18.42
N LEU B 75 13.14 -15.78 -17.24
CA LEU B 75 13.75 -14.46 -17.06
C LEU B 75 14.89 -14.54 -16.06
N ALA B 76 16.12 -14.44 -16.58
CA ALA B 76 17.32 -14.54 -15.75
C ALA B 76 17.91 -13.16 -15.45
N ILE B 77 18.01 -12.85 -14.16
CA ILE B 77 18.74 -11.68 -13.69
C ILE B 77 20.09 -12.10 -13.15
N THR B 78 21.15 -11.60 -13.75
CA THR B 78 22.51 -11.89 -13.33
C THR B 78 23.09 -10.70 -12.57
N GLY B 79 23.77 -10.98 -11.46
CA GLY B 79 24.32 -9.94 -10.63
C GLY B 79 23.22 -9.08 -10.04
N LEU B 80 22.37 -9.70 -9.25
CA LEU B 80 21.19 -9.03 -8.70
C LEU B 80 21.57 -7.79 -7.88
N GLN B 81 20.71 -6.77 -7.95
CA GLN B 81 20.93 -5.51 -7.26
C GLN B 81 19.83 -5.24 -6.23
N ALA B 82 19.98 -4.16 -5.48
CA ALA B 82 19.00 -3.79 -4.46
C ALA B 82 17.71 -3.30 -5.10
N GLU B 83 17.83 -2.49 -6.14
CA GLU B 83 16.68 -1.88 -6.79
C GLU B 83 15.90 -2.87 -7.67
N ASP B 84 16.33 -4.14 -7.67
CA ASP B 84 15.63 -5.18 -8.41
C ASP B 84 14.52 -5.81 -7.58
N GLU B 85 14.48 -5.49 -6.29
CA GLU B 85 13.44 -6.00 -5.41
C GLU B 85 12.09 -5.44 -5.83
N ALA B 86 11.28 -6.29 -6.44
CA ALA B 86 10.02 -5.86 -7.04
C ALA B 86 9.17 -7.05 -7.46
N ASP B 87 8.07 -6.78 -8.17
CA ASP B 87 7.22 -7.84 -8.69
C ASP B 87 7.46 -8.01 -10.18
N TYR B 88 7.54 -9.25 -10.64
CA TYR B 88 7.81 -9.53 -12.06
C TYR B 88 6.71 -10.37 -12.69
N TYR B 89 6.28 -9.98 -13.89
CA TYR B 89 5.18 -10.64 -14.59
C TYR B 89 5.58 -11.18 -15.97
N CYS B 90 5.04 -12.35 -16.28
CA CYS B 90 5.23 -13.01 -17.57
C CYS B 90 3.96 -12.91 -18.39
N GLN B 91 4.08 -12.57 -19.68
CA GLN B 91 2.89 -12.41 -20.52
C GLN B 91 3.10 -12.90 -21.96
N SER B 92 2.35 -13.94 -22.34
CA SER B 92 2.39 -14.47 -23.70
C SER B 92 1.04 -14.30 -24.39
N TYR B 93 0.77 -15.15 -25.39
CA TYR B 93 -0.51 -15.17 -26.08
C TYR B 93 -0.98 -16.60 -26.29
N GLY B 99 -6.19 -15.68 -30.21
CA GLY B 99 -5.41 -15.75 -28.98
C GLY B 99 -5.29 -14.41 -28.30
N SER B 100 -5.88 -14.30 -27.11
CA SER B 100 -5.82 -13.06 -26.34
C SER B 100 -4.50 -12.94 -25.59
N ALA B 101 -4.37 -11.87 -24.81
CA ALA B 101 -3.18 -11.65 -24.00
C ALA B 101 -3.30 -12.35 -22.66
N VAL B 102 -2.42 -13.32 -22.42
CA VAL B 102 -2.43 -14.08 -21.18
C VAL B 102 -1.38 -13.56 -20.20
N PHE B 103 -1.79 -13.36 -18.95
CA PHE B 103 -0.88 -12.84 -17.93
C PHE B 103 -0.39 -13.95 -17.01
N GLY B 104 0.87 -13.84 -16.57
CA GLY B 104 1.56 -14.93 -15.91
C GLY B 104 1.37 -15.08 -14.42
N GLY B 105 0.66 -14.14 -13.81
CA GLY B 105 0.48 -14.16 -12.36
C GLY B 105 1.64 -13.51 -11.64
N GLY B 106 1.50 -13.37 -10.33
CA GLY B 106 2.45 -12.59 -9.55
C GLY B 106 3.67 -13.35 -9.05
N THR B 107 4.82 -12.71 -9.12
CA THR B 107 6.06 -13.22 -8.53
C THR B 107 6.83 -12.09 -7.85
N LYS B 108 6.97 -12.17 -6.54
CA LYS B 108 7.71 -11.19 -5.77
C LYS B 108 9.16 -11.62 -5.59
N LEU B 109 10.07 -10.76 -6.04
CA LEU B 109 11.50 -10.99 -5.88
C LEU B 109 12.04 -10.16 -4.73
N THR B 110 12.54 -10.85 -3.69
CA THR B 110 13.07 -10.19 -2.50
C THR B 110 14.57 -10.42 -2.35
N VAL B 111 15.33 -9.33 -2.35
CA VAL B 111 16.78 -9.41 -2.20
C VAL B 111 17.13 -9.96 -0.83
N LEU B 112 18.06 -10.92 -0.81
CA LEU B 112 18.40 -11.64 0.41
C LEU B 112 19.62 -11.04 1.09
N GLY B 113 19.61 -9.71 1.21
CA GLY B 113 20.67 -9.01 1.91
C GLY B 113 20.22 -8.57 3.28
N GLN B 114 21.14 -8.01 4.05
CA GLN B 114 20.88 -7.42 5.36
C GLN B 114 20.61 -8.51 6.43
N PRO B 115 20.98 -8.23 7.69
CA PRO B 115 20.70 -9.17 8.80
C PRO B 115 19.41 -8.84 9.55
N LEU B 116 19.07 -9.66 10.54
CA LEU B 116 17.80 -9.51 11.23
C LEU B 116 17.88 -8.36 12.22
N ALA B 117 16.74 -7.71 12.45
CA ALA B 117 16.65 -6.58 13.36
C ALA B 117 15.52 -6.79 14.36
N ALA B 118 15.80 -6.54 15.63
CA ALA B 118 14.82 -6.75 16.69
C ALA B 118 13.84 -5.57 16.78
N PRO B 119 12.53 -5.85 16.91
CA PRO B 119 11.53 -4.77 16.93
C PRO B 119 11.55 -3.93 18.20
N SER B 120 11.35 -2.62 18.04
CA SER B 120 11.14 -1.72 19.16
C SER B 120 9.64 -1.46 19.29
N VAL B 121 9.08 -1.79 20.45
CA VAL B 121 7.64 -1.70 20.67
C VAL B 121 7.31 -0.59 21.67
N THR B 122 6.41 0.31 21.27
CA THR B 122 5.94 1.38 22.14
C THR B 122 4.41 1.31 22.28
N LEU B 123 3.95 1.17 23.52
CA LEU B 123 2.52 1.03 23.80
C LEU B 123 1.95 2.28 24.48
N PHE B 124 0.93 2.87 23.86
CA PHE B 124 0.26 4.04 24.41
C PHE B 124 -1.16 3.68 24.87
N PRO B 125 -1.50 4.04 26.13
CA PRO B 125 -2.86 3.86 26.64
C PRO B 125 -3.81 4.91 26.11
N PRO B 126 -5.12 4.77 26.37
CA PRO B 126 -6.09 5.78 25.95
C PRO B 126 -5.90 7.11 26.69
N SER B 127 -6.05 8.22 25.99
CA SER B 127 -5.98 9.53 26.62
C SER B 127 -7.28 9.79 27.38
N SER B 128 -7.23 10.70 28.34
CA SER B 128 -8.42 11.04 29.12
C SER B 128 -9.47 11.72 28.25
N GLU B 129 -9.01 12.41 27.21
CA GLU B 129 -9.90 13.08 26.28
C GLU B 129 -10.72 12.08 25.48
N GLU B 130 -10.10 10.95 25.14
CA GLU B 130 -10.80 9.89 24.43
C GLU B 130 -11.79 9.21 25.35
N LEU B 131 -11.38 8.97 26.59
CA LEU B 131 -12.26 8.39 27.60
C LEU B 131 -13.47 9.30 27.82
N GLN B 132 -13.22 10.60 27.91
CA GLN B 132 -14.30 11.57 28.03
C GLN B 132 -15.25 11.48 26.84
N ALA B 133 -14.69 11.18 25.68
CA ALA B 133 -15.47 11.05 24.46
C ALA B 133 -16.14 9.68 24.36
N ASN B 134 -16.22 8.97 25.48
CA ASN B 134 -16.89 7.67 25.56
C ASN B 134 -16.24 6.63 24.66
N LYS B 135 -14.92 6.74 24.50
CA LYS B 135 -14.16 5.83 23.65
C LYS B 135 -12.80 5.52 24.26
N ALA B 136 -12.14 4.50 23.72
CA ALA B 136 -10.81 4.10 24.19
C ALA B 136 -10.08 3.29 23.14
N THR B 137 -8.77 3.50 23.05
CA THR B 137 -7.94 2.80 22.09
C THR B 137 -6.55 2.57 22.67
N LEU B 138 -6.07 1.33 22.58
CA LEU B 138 -4.70 1.00 22.92
C LEU B 138 -3.86 1.00 21.64
N VAL B 139 -2.77 1.76 21.65
CA VAL B 139 -1.95 1.94 20.45
C VAL B 139 -0.57 1.29 20.60
N CYS B 140 -0.35 0.21 19.86
CA CYS B 140 0.94 -0.48 19.88
C CYS B 140 1.73 -0.19 18.60
N LEU B 141 2.84 0.53 18.74
CA LEU B 141 3.67 0.93 17.60
C LEU B 141 4.98 0.15 17.58
N ILE B 142 5.22 -0.56 16.49
CA ILE B 142 6.37 -1.46 16.36
C ILE B 142 7.31 -0.96 15.26
N SER B 143 8.58 -0.78 15.60
CA SER B 143 9.55 -0.18 14.67
C SER B 143 10.85 -0.98 14.54
N ASP B 144 11.59 -0.67 13.48
CA ASP B 144 12.97 -1.14 13.30
C ASP B 144 13.13 -2.65 13.43
N PHE B 145 12.37 -3.42 12.65
CA PHE B 145 12.54 -4.87 12.64
C PHE B 145 12.72 -5.41 11.22
N TYR B 146 13.55 -6.43 11.10
CA TYR B 146 13.75 -7.13 9.84
C TYR B 146 13.96 -8.62 10.14
N PRO B 147 13.39 -9.51 9.30
CA PRO B 147 12.55 -9.26 8.13
C PRO B 147 11.17 -8.72 8.51
N GLY B 148 10.28 -8.62 7.53
CA GLY B 148 9.02 -7.93 7.72
C GLY B 148 7.91 -8.81 8.26
N ALA B 149 8.27 -9.89 8.95
CA ALA B 149 7.29 -10.80 9.53
C ALA B 149 7.20 -10.63 11.06
N VAL B 150 6.04 -10.20 11.52
CA VAL B 150 5.77 -10.09 12.96
C VAL B 150 4.34 -10.53 13.27
N THR B 151 4.14 -11.07 14.47
CA THR B 151 2.79 -11.38 14.93
C THR B 151 2.48 -10.57 16.20
N VAL B 152 1.27 -10.02 16.25
CA VAL B 152 0.85 -9.16 17.36
C VAL B 152 -0.31 -9.79 18.12
N ALA B 153 -0.14 -9.97 19.42
CA ALA B 153 -1.18 -10.54 20.27
C ALA B 153 -1.48 -9.62 21.45
N TRP B 154 -2.76 -9.32 21.65
CA TRP B 154 -3.20 -8.46 22.74
C TRP B 154 -3.69 -9.28 23.93
N LYS B 155 -3.48 -8.77 25.13
CA LYS B 155 -3.94 -9.44 26.34
C LYS B 155 -4.65 -8.49 27.31
N ALA B 156 -5.75 -8.98 27.87
CA ALA B 156 -6.41 -8.33 29.00
C ALA B 156 -6.15 -9.18 30.25
N ASP B 157 -5.41 -8.62 31.19
CA ASP B 157 -5.02 -9.33 32.42
C ASP B 157 -4.53 -10.75 32.12
N SER B 158 -3.53 -10.87 31.27
CA SER B 158 -2.91 -12.15 30.95
C SER B 158 -3.86 -13.09 30.20
N SER B 159 -5.04 -12.60 29.82
CA SER B 159 -5.99 -13.40 29.04
C SER B 159 -6.05 -12.83 27.61
N PRO B 160 -5.90 -13.69 26.60
CA PRO B 160 -5.78 -13.19 25.22
C PRO B 160 -7.04 -12.52 24.68
N VAL B 161 -6.87 -11.43 23.95
CA VAL B 161 -7.97 -10.72 23.30
C VAL B 161 -7.73 -10.66 21.79
N LYS B 162 -8.78 -10.90 21.02
CA LYS B 162 -8.69 -10.82 19.57
C LYS B 162 -9.77 -9.91 18.98
N ALA B 163 -10.86 -9.72 19.71
CA ALA B 163 -11.92 -8.82 19.28
C ALA B 163 -11.47 -7.36 19.43
N GLY B 164 -11.75 -6.56 18.43
CA GLY B 164 -11.41 -5.14 18.47
C GLY B 164 -9.96 -4.85 18.13
N VAL B 165 -9.27 -5.84 17.55
CA VAL B 165 -7.87 -5.68 17.17
C VAL B 165 -7.75 -5.35 15.69
N GLU B 166 -6.95 -4.33 15.37
CA GLU B 166 -6.65 -3.97 13.99
C GLU B 166 -5.15 -3.75 13.81
N THR B 167 -4.53 -4.57 12.97
CA THR B 167 -3.08 -4.52 12.77
C THR B 167 -2.73 -4.29 11.30
N THR B 168 -1.74 -3.44 11.06
CA THR B 168 -1.27 -3.17 9.71
C THR B 168 -0.39 -4.29 9.18
N THR B 169 -0.36 -4.44 7.86
CA THR B 169 0.65 -5.27 7.24
C THR B 169 1.97 -4.50 7.30
N PRO B 170 3.06 -5.16 7.76
CA PRO B 170 4.34 -4.43 7.90
C PRO B 170 4.80 -3.76 6.60
N SER B 171 5.46 -2.62 6.73
CA SER B 171 5.92 -1.85 5.57
C SER B 171 7.30 -1.25 5.83
N LYS B 172 8.05 -1.04 4.74
CA LYS B 172 9.42 -0.55 4.85
C LYS B 172 9.50 0.89 5.35
N GLN B 173 10.38 1.13 6.30
CA GLN B 173 10.68 2.47 6.78
C GLN B 173 11.67 3.16 5.84
N SER B 174 12.16 4.32 6.26
CA SER B 174 13.13 5.07 5.46
C SER B 174 14.50 4.40 5.45
N ASN B 175 14.80 3.65 6.52
CA ASN B 175 16.10 2.99 6.68
C ASN B 175 16.10 1.55 6.16
N ASN B 176 15.02 1.17 5.48
CA ASN B 176 14.84 -0.17 4.91
C ASN B 176 14.70 -1.25 5.98
N LYS B 177 14.22 -0.85 7.15
CA LYS B 177 13.67 -1.78 8.13
C LYS B 177 12.16 -1.70 8.02
N TYR B 178 11.45 -2.51 8.80
CA TYR B 178 9.99 -2.53 8.73
C TYR B 178 9.34 -1.92 9.96
N ALA B 179 8.18 -1.31 9.74
CA ALA B 179 7.37 -0.76 10.81
C ALA B 179 6.00 -1.40 10.76
N ALA B 180 5.30 -1.37 11.90
CA ALA B 180 3.94 -1.88 11.98
C ALA B 180 3.24 -1.19 13.14
N SER B 181 1.91 -1.26 13.15
CA SER B 181 1.12 -0.64 14.20
C SER B 181 -0.19 -1.38 14.42
N SER B 182 -0.44 -1.71 15.68
CA SER B 182 -1.64 -2.44 16.07
C SER B 182 -2.50 -1.56 16.97
N TYR B 183 -3.81 -1.65 16.79
CA TYR B 183 -4.76 -0.86 17.57
C TYR B 183 -5.79 -1.77 18.20
N LEU B 184 -5.96 -1.63 19.52
CA LEU B 184 -7.02 -2.36 20.23
C LEU B 184 -8.08 -1.39 20.73
N SER B 185 -9.20 -1.34 20.03
CA SER B 185 -10.29 -0.43 20.36
C SER B 185 -11.15 -1.01 21.48
N LEU B 186 -11.63 -0.14 22.35
CA LEU B 186 -12.29 -0.57 23.57
C LEU B 186 -13.38 0.40 24.02
N THR B 187 -14.15 -0.03 25.02
CA THR B 187 -15.05 0.86 25.74
C THR B 187 -14.35 1.31 27.01
N PRO B 188 -14.65 2.53 27.49
CA PRO B 188 -14.06 3.00 28.74
C PRO B 188 -14.31 2.03 29.90
N GLU B 189 -15.45 1.37 29.86
CA GLU B 189 -15.83 0.41 30.90
C GLU B 189 -14.82 -0.73 30.91
N GLN B 190 -14.67 -1.39 29.76
CA GLN B 190 -13.71 -2.46 29.57
C GLN B 190 -12.31 -2.06 30.00
N TRP B 191 -11.90 -0.87 29.58
CA TRP B 191 -10.60 -0.33 29.96
C TRP B 191 -10.47 -0.28 31.48
N LYS B 192 -11.40 0.42 32.13
CA LYS B 192 -11.34 0.58 33.58
C LYS B 192 -11.55 -0.74 34.33
N SER B 193 -12.21 -1.70 33.70
CA SER B 193 -12.49 -2.98 34.34
C SER B 193 -11.21 -3.74 34.73
N HIS B 194 -10.40 -4.08 33.74
CA HIS B 194 -9.21 -4.91 33.97
C HIS B 194 -8.07 -4.15 34.64
N LYS B 195 -7.12 -4.89 35.21
CA LYS B 195 -5.99 -4.29 35.91
C LYS B 195 -4.91 -3.80 34.95
N SER B 196 -4.79 -4.44 33.79
CA SER B 196 -3.80 -4.05 32.80
C SER B 196 -4.07 -4.68 31.44
N TYR B 197 -3.55 -4.03 30.41
CA TYR B 197 -3.59 -4.57 29.05
C TYR B 197 -2.17 -4.69 28.50
N SER B 198 -1.94 -5.73 27.71
CA SER B 198 -0.62 -6.00 27.17
C SER B 198 -0.61 -6.17 25.66
N CYS B 199 0.42 -5.61 25.03
CA CYS B 199 0.69 -5.78 23.61
C CYS B 199 1.94 -6.65 23.45
N GLN B 200 1.76 -7.81 22.82
CA GLN B 200 2.80 -8.82 22.70
C GLN B 200 3.22 -9.02 21.25
N VAL B 201 4.41 -8.56 20.90
CA VAL B 201 4.93 -8.65 19.54
C VAL B 201 5.95 -9.77 19.44
N THR B 202 5.71 -10.70 18.52
CA THR B 202 6.63 -11.81 18.28
C THR B 202 7.28 -11.66 16.90
N HIS B 203 8.60 -11.84 16.90
CA HIS B 203 9.43 -11.64 15.72
C HIS B 203 10.61 -12.61 15.77
N GLU B 204 10.71 -13.45 14.74
CA GLU B 204 11.82 -14.41 14.61
C GLU B 204 12.12 -15.14 15.91
N GLY B 205 11.09 -15.75 16.49
CA GLY B 205 11.25 -16.55 17.69
C GLY B 205 11.56 -15.75 18.94
N SER B 206 11.43 -14.43 18.86
CA SER B 206 11.64 -13.57 20.03
C SER B 206 10.40 -12.72 20.31
N THR B 207 10.06 -12.57 21.58
CA THR B 207 8.84 -11.86 21.97
C THR B 207 9.13 -10.61 22.81
N VAL B 208 8.32 -9.58 22.59
CA VAL B 208 8.38 -8.35 23.37
C VAL B 208 6.97 -7.99 23.83
N GLU B 209 6.76 -7.98 25.14
CA GLU B 209 5.45 -7.69 25.71
C GLU B 209 5.43 -6.38 26.48
N LYS B 210 4.73 -5.38 25.93
CA LYS B 210 4.56 -4.09 26.59
C LYS B 210 3.22 -4.09 27.33
N THR B 211 3.16 -3.40 28.46
CA THR B 211 1.95 -3.40 29.28
C THR B 211 1.58 -2.02 29.81
N VAL B 212 0.28 -1.76 29.88
CA VAL B 212 -0.25 -0.53 30.47
C VAL B 212 -1.42 -0.85 31.40
N ALA B 213 -1.77 0.10 32.24
CA ALA B 213 -2.86 -0.08 33.20
C ALA B 213 -3.73 1.18 33.28
N PRO B 214 -5.03 1.01 33.58
CA PRO B 214 -5.92 2.16 33.75
C PRO B 214 -5.48 3.09 34.88
N THR B 215 -4.91 2.51 35.92
CA THR B 215 -4.40 3.30 37.04
C THR B 215 -3.28 4.22 36.58
N GLU B 216 -2.26 3.64 35.95
CA GLU B 216 -1.14 4.38 35.39
C GLU B 216 -0.51 5.33 36.41
#